data_6UKE
#
_entry.id   6UKE
#
_cell.length_a   60.890
_cell.length_b   37.193
_cell.length_c   68.744
_cell.angle_alpha   90.000
_cell.angle_beta   109.796
_cell.angle_gamma   90.000
#
_symmetry.space_group_name_H-M   'P 1 21 1'
#
loop_
_entity.id
_entity.type
_entity.pdbx_description
1 polymer 'HhaI Restriction Endonuclease'
2 polymer "DNA (5'-D(*TP*CP*CP*AP*AP*GP*CP*GP*CP*AP*AP*CP*G)-3')"
3 polymer "DNA (5'-D(*CP*GP*(5IT)P*TP*GP*CP*GP*CP*TP*(5IT)P*GP*GP*A)-3')"
4 non-polymer 'CALCIUM ION'
5 non-polymer 1,2-ETHANEDIOL
6 non-polymer 'ACETATE ION'
7 non-polymer 'PHOSPHATE ION'
8 water water
#
loop_
_entity_poly.entity_id
_entity_poly.type
_entity_poly.pdbx_seq_one_letter_code
_entity_poly.pdbx_strand_id
1 'polypeptide(L)'
;MNWKEFEVFCVTYLNKTYGNKFAKKGESDSTTSDILFTGNNPFYIEAKMPHSQCGQFVLIPNRAEYKFDYSPKNKSEINP
YTQKIMQFMSENFSEYANLSTKGKIIPLPESVFVNWIKEYYKSKSVKFFITSNGDFIIFPIEHFEHYFNVSCTYRIKKSG
SRHLNSKSLPDFKQALDKKGISYTMRGLELHSDENIHDKRISGDDKDFLIKENNGAYHVKILSNTFNANVIFSISLKNNI
SLFILNEDRKAFEAAISL
;
X
2 'polydeoxyribonucleotide' (DT)(DC)(DC)(DA)(DA)(DG)(DC)(DG)(DC)(DA)(DA)(DC)(DG) A
3 'polydeoxyribonucleotide' (DC)(DG)(5IU)(DT)(DG)(DC)(DG)(DC)(DT)(5IU)(DG)(DG)(DA) B
#
loop_
_chem_comp.id
_chem_comp.type
_chem_comp.name
_chem_comp.formula
5IU DNA linking 5-IODO-2'-DEOXYURIDINE-5'-MONOPHOSPHATE 'C9 H12 I N2 O8 P'
ACT non-polymer 'ACETATE ION' 'C2 H3 O2 -1'
CA non-polymer 'CALCIUM ION' 'Ca 2'
DA DNA linking 2'-DEOXYADENOSINE-5'-MONOPHOSPHATE 'C10 H14 N5 O6 P'
DC DNA linking 2'-DEOXYCYTIDINE-5'-MONOPHOSPHATE 'C9 H14 N3 O7 P'
DG DNA linking 2'-DEOXYGUANOSINE-5'-MONOPHOSPHATE 'C10 H14 N5 O7 P'
DT DNA linking THYMIDINE-5'-MONOPHOSPHATE 'C10 H15 N2 O8 P'
EDO non-polymer 1,2-ETHANEDIOL 'C2 H6 O2'
PO4 non-polymer 'PHOSPHATE ION' 'O4 P -3'
#
# COMPACT_ATOMS: atom_id res chain seq x y z
N MET A 1 -1.64 13.19 -12.29
CA MET A 1 -1.94 11.81 -12.62
C MET A 1 -2.17 11.00 -11.34
N ASN A 2 -2.79 9.82 -11.48
CA ASN A 2 -2.97 8.95 -10.34
C ASN A 2 -1.79 7.99 -10.21
N TRP A 3 -1.79 7.18 -9.15
CA TRP A 3 -0.61 6.38 -8.86
C TRP A 3 -0.42 5.25 -9.86
N LYS A 4 -1.50 4.77 -10.49
CA LYS A 4 -1.34 3.75 -11.54
C LYS A 4 -0.68 4.33 -12.78
N GLU A 5 -1.16 5.50 -13.21
CA GLU A 5 -0.50 6.21 -14.31
C GLU A 5 0.95 6.54 -13.95
N PHE A 6 1.20 6.88 -12.69
CA PHE A 6 2.55 7.18 -12.25
C PHE A 6 3.46 5.96 -12.40
N GLU A 7 2.97 4.78 -12.02
CA GLU A 7 3.81 3.59 -12.11
C GLU A 7 4.11 3.26 -13.57
N VAL A 8 3.13 3.43 -14.47
CA VAL A 8 3.41 3.21 -15.90
C VAL A 8 4.42 4.22 -16.41
N PHE A 9 4.28 5.48 -15.97
CA PHE A 9 5.26 6.53 -16.28
C PHE A 9 6.67 6.10 -15.91
N CYS A 10 6.83 5.54 -14.70
CA CYS A 10 8.14 5.12 -14.22
C CYS A 10 8.69 3.94 -15.03
N VAL A 11 7.84 2.93 -15.30
CA VAL A 11 8.27 1.77 -16.07
C VAL A 11 8.69 2.18 -17.47
N THR A 12 7.90 3.04 -18.10
CA THR A 12 8.23 3.47 -19.46
C THR A 12 9.57 4.19 -19.48
N TYR A 13 9.82 5.06 -18.49
CA TYR A 13 11.09 5.77 -18.41
C TYR A 13 12.25 4.79 -18.27
N LEU A 14 12.12 3.83 -17.36
CA LEU A 14 13.20 2.87 -17.14
C LEU A 14 13.54 2.10 -18.42
N ASN A 15 12.51 1.61 -19.11
CA ASN A 15 12.76 0.81 -20.30
C ASN A 15 13.33 1.65 -21.44
N LYS A 16 12.87 2.89 -21.61
CA LYS A 16 13.41 3.68 -22.71
C LYS A 16 14.82 4.17 -22.39
N THR A 17 15.14 4.35 -21.11
CA THR A 17 16.44 4.91 -20.72
C THR A 17 17.51 3.85 -20.59
N TYR A 18 17.15 2.68 -20.08
CA TYR A 18 18.13 1.68 -19.70
C TYR A 18 17.95 0.37 -20.43
N GLY A 19 17.03 0.29 -21.38
CA GLY A 19 16.78 -0.96 -22.07
C GLY A 19 15.55 -1.66 -21.53
N ASN A 20 14.98 -2.52 -22.37
CA ASN A 20 13.70 -3.18 -22.08
C ASN A 20 13.93 -4.38 -21.16
N LYS A 21 14.24 -4.05 -19.91
CA LYS A 21 14.56 -5.03 -18.87
C LYS A 21 13.70 -4.85 -17.62
N PHE A 22 12.66 -4.04 -17.68
CA PHE A 22 11.91 -3.68 -16.48
C PHE A 22 10.46 -4.12 -16.66
N ALA A 23 10.07 -5.15 -15.92
CA ALA A 23 8.76 -5.78 -16.08
C ALA A 23 7.78 -5.27 -15.04
N LYS A 24 6.56 -5.01 -15.49
CA LYS A 24 5.43 -4.70 -14.61
C LYS A 24 4.23 -5.41 -15.23
N LYS A 25 4.08 -6.69 -14.90
CA LYS A 25 3.10 -7.54 -15.57
C LYS A 25 2.94 -8.82 -14.75
N GLY A 26 1.80 -9.46 -14.93
CA GLY A 26 1.48 -10.66 -14.17
C GLY A 26 0.99 -10.32 -12.77
N GLU A 27 0.71 -11.39 -12.01
CA GLU A 27 0.23 -11.23 -10.65
C GLU A 27 1.33 -10.68 -9.74
N SER A 28 0.91 -9.99 -8.69
CA SER A 28 1.78 -9.55 -7.61
C SER A 28 1.67 -10.49 -6.42
N ASP A 29 2.65 -10.40 -5.53
CA ASP A 29 2.62 -11.15 -4.28
C ASP A 29 1.84 -10.37 -3.23
N SER A 30 1.54 -11.04 -2.12
CA SER A 30 0.91 -10.38 -0.98
C SER A 30 1.80 -9.31 -0.37
N THR A 31 3.07 -9.24 -0.75
CA THR A 31 4.00 -8.19 -0.34
C THR A 31 4.30 -7.29 -1.54
N THR A 32 5.22 -6.35 -1.33
CA THR A 32 5.57 -5.41 -2.38
C THR A 32 6.30 -6.14 -3.52
N SER A 33 5.68 -6.11 -4.72
CA SER A 33 6.24 -6.70 -5.93
C SER A 33 5.89 -5.75 -7.09
N ASP A 34 6.66 -4.66 -7.18
CA ASP A 34 6.32 -3.60 -8.12
C ASP A 34 6.95 -3.83 -9.49
N ILE A 35 8.06 -3.15 -9.77
CA ILE A 35 8.77 -3.27 -11.03
C ILE A 35 9.93 -4.23 -10.82
N LEU A 36 10.10 -5.19 -11.73
CA LEU A 36 11.19 -6.15 -11.64
C LEU A 36 12.24 -5.86 -12.70
N PHE A 37 13.49 -5.69 -12.27
CA PHE A 37 14.59 -5.68 -13.23
C PHE A 37 14.97 -7.12 -13.53
N THR A 38 14.91 -7.50 -14.80
CA THR A 38 14.99 -8.89 -15.22
C THR A 38 16.36 -9.27 -15.78
N GLY A 39 17.44 -8.70 -15.25
CA GLY A 39 18.79 -9.02 -15.70
C GLY A 39 19.47 -10.05 -14.84
N ASN A 40 20.81 -10.11 -14.95
CA ASN A 40 21.56 -11.13 -14.24
C ASN A 40 21.67 -10.83 -12.76
N ASN A 41 21.40 -9.59 -12.35
CA ASN A 41 21.38 -9.16 -10.95
C ASN A 41 19.98 -8.66 -10.70
N PRO A 42 19.00 -9.55 -10.57
CA PRO A 42 17.61 -9.10 -10.50
C PRO A 42 17.29 -8.48 -9.16
N PHE A 43 16.35 -7.53 -9.20
CA PHE A 43 15.86 -6.90 -8.00
C PHE A 43 14.59 -6.15 -8.36
N TYR A 44 13.76 -5.89 -7.34
CA TYR A 44 12.47 -5.19 -7.56
C TYR A 44 12.65 -3.68 -7.35
N ILE A 45 12.02 -2.88 -8.21
CA ILE A 45 12.09 -1.39 -8.13
C ILE A 45 10.74 -0.87 -7.61
N GLU A 46 10.73 -0.30 -6.41
CA GLU A 46 9.48 0.22 -5.79
C GLU A 46 9.25 1.67 -6.26
N ALA A 47 8.12 1.89 -6.96
CA ALA A 47 7.77 3.25 -7.44
C ALA A 47 6.92 3.95 -6.38
N LYS A 48 7.26 5.21 -6.06
CA LYS A 48 6.51 5.95 -5.04
C LYS A 48 6.21 7.35 -5.57
N MET A 49 4.97 7.79 -5.43
CA MET A 49 4.66 9.18 -5.67
C MET A 49 5.27 10.05 -4.57
N PRO A 50 5.41 11.35 -4.81
CA PRO A 50 5.98 12.23 -3.77
C PRO A 50 5.30 12.12 -2.40
N HIS A 51 4.00 11.89 -2.34
CA HIS A 51 3.30 11.69 -1.07
C HIS A 51 2.66 10.31 -1.11
N SER A 52 3.23 9.37 -0.36
CA SER A 52 2.86 7.97 -0.45
C SER A 52 2.84 7.37 0.95
N GLN A 53 2.37 6.13 1.03
CA GLN A 53 2.60 5.32 2.22
C GLN A 53 3.69 4.30 1.89
N CYS A 54 4.17 3.59 2.91
CA CYS A 54 5.40 2.83 2.69
C CYS A 54 5.59 1.70 3.69
N GLY A 55 4.56 0.85 3.83
CA GLY A 55 4.63 -0.35 4.62
C GLY A 55 3.76 -0.26 5.87
N GLN A 56 3.49 -1.42 6.45
CA GLN A 56 2.59 -1.48 7.60
C GLN A 56 2.77 -2.80 8.33
N PHE A 57 2.21 -2.86 9.54
CA PHE A 57 1.98 -4.14 10.20
C PHE A 57 0.85 -3.96 11.20
N VAL A 58 0.02 -4.99 11.33
CA VAL A 58 -1.13 -4.95 12.23
C VAL A 58 -0.69 -5.27 13.64
N LEU A 59 -1.16 -4.49 14.60
CA LEU A 59 -0.97 -4.76 16.02
C LEU A 59 -2.33 -4.90 16.68
N ILE A 60 -2.45 -5.90 17.54
CA ILE A 60 -3.68 -6.19 18.27
C ILE A 60 -3.50 -5.69 19.70
N PRO A 61 -4.36 -4.81 20.19
CA PRO A 61 -4.23 -4.38 21.59
C PRO A 61 -4.57 -5.52 22.54
N ASN A 62 -3.70 -5.74 23.50
CA ASN A 62 -3.98 -6.71 24.56
C ASN A 62 -4.29 -5.94 25.83
N ARG A 63 -5.58 -5.79 26.13
CA ARG A 63 -6.01 -4.98 27.27
C ARG A 63 -5.84 -5.69 28.60
N ALA A 64 -5.58 -7.00 28.59
CA ALA A 64 -5.28 -7.66 29.85
C ALA A 64 -3.84 -7.46 30.25
N GLU A 65 -2.93 -7.39 29.27
CA GLU A 65 -1.51 -7.26 29.52
C GLU A 65 -1.00 -5.85 29.24
N TYR A 66 -1.84 -4.95 28.75
CA TYR A 66 -1.45 -3.58 28.47
C TYR A 66 -0.26 -3.55 27.52
N LYS A 67 -0.35 -4.31 26.45
CA LYS A 67 0.70 -4.31 25.45
C LYS A 67 0.08 -4.63 24.10
N PHE A 68 0.86 -4.42 23.04
CA PHE A 68 0.42 -4.70 21.70
C PHE A 68 1.05 -5.99 21.20
N ASP A 69 0.23 -6.86 20.65
CA ASP A 69 0.69 -8.12 20.07
C ASP A 69 0.83 -7.98 18.56
N TYR A 70 1.94 -8.48 18.03
CA TYR A 70 2.10 -8.56 16.59
C TYR A 70 1.14 -9.59 16.02
N SER A 71 0.40 -9.22 14.98
CA SER A 71 -0.55 -10.17 14.42
C SER A 71 0.18 -11.37 13.85
N PRO A 72 -0.21 -12.60 14.22
CA PRO A 72 0.39 -13.78 13.60
C PRO A 72 0.07 -13.91 12.13
N LYS A 73 -0.85 -13.11 11.61
CA LYS A 73 -1.19 -13.15 10.20
C LYS A 73 -0.48 -12.07 9.40
N ASN A 74 0.36 -11.25 10.04
CA ASN A 74 1.19 -10.30 9.32
C ASN A 74 2.11 -11.02 8.33
N LYS A 75 2.55 -10.29 7.31
CA LYS A 75 3.31 -10.86 6.21
C LYS A 75 4.78 -10.47 6.25
N SER A 76 5.24 -9.82 7.31
CA SER A 76 6.66 -9.60 7.52
C SER A 76 6.99 -9.92 8.97
N GLU A 77 8.24 -10.32 9.21
CA GLU A 77 8.63 -10.71 10.55
C GLU A 77 9.05 -9.50 11.37
N ILE A 78 9.00 -9.69 12.69
CA ILE A 78 9.42 -8.67 13.63
C ILE A 78 10.92 -8.42 13.48
N ASN A 79 11.29 -7.18 13.21
CA ASN A 79 12.68 -6.75 13.25
C ASN A 79 12.88 -5.83 14.46
N PRO A 80 14.13 -5.44 14.77
CA PRO A 80 14.33 -4.63 15.98
C PRO A 80 13.58 -3.32 15.95
N TYR A 81 13.34 -2.76 14.77
CA TYR A 81 12.61 -1.49 14.69
C TYR A 81 11.12 -1.72 14.89
N THR A 82 10.59 -2.84 14.39
CA THR A 82 9.26 -3.28 14.81
C THR A 82 9.17 -3.31 16.32
N GLN A 83 10.17 -3.92 16.96
CA GLN A 83 10.13 -4.10 18.40
C GLN A 83 10.18 -2.76 19.14
N LYS A 84 10.97 -1.81 18.62
CA LYS A 84 11.04 -0.51 19.26
C LYS A 84 9.70 0.20 19.19
N ILE A 85 9.01 0.07 18.05
CA ILE A 85 7.69 0.68 17.91
C ILE A 85 6.70 0.03 18.87
N MET A 86 6.67 -1.31 18.87
CA MET A 86 5.77 -2.03 19.76
C MET A 86 6.05 -1.71 21.22
N GLN A 87 7.34 -1.63 21.58
CA GLN A 87 7.71 -1.32 22.96
C GLN A 87 7.22 0.06 23.35
N PHE A 88 7.45 1.06 22.47
CA PHE A 88 6.98 2.40 22.75
C PHE A 88 5.46 2.43 22.93
N MET A 89 4.74 1.77 22.02
CA MET A 89 3.28 1.80 22.13
C MET A 89 2.80 1.08 23.38
N SER A 90 3.45 -0.03 23.72
CA SER A 90 3.05 -0.79 24.91
C SER A 90 3.35 -0.03 26.19
N GLU A 91 4.51 0.65 26.25
CA GLU A 91 4.81 1.45 27.42
C GLU A 91 3.89 2.65 27.53
N ASN A 92 3.21 3.01 26.45
CA ASN A 92 2.21 4.08 26.42
C ASN A 92 0.84 3.52 26.05
N PHE A 93 0.52 2.35 26.62
CA PHE A 93 -0.61 1.55 26.12
C PHE A 93 -1.92 2.34 26.13
N SER A 94 -2.21 3.04 27.24
CA SER A 94 -3.49 3.74 27.34
C SER A 94 -3.64 4.81 26.25
N GLU A 95 -2.53 5.33 25.74
CA GLU A 95 -2.59 6.33 24.69
C GLU A 95 -2.86 5.75 23.30
N TYR A 96 -2.59 4.46 23.09
CA TYR A 96 -2.78 3.85 21.77
C TYR A 96 -3.88 2.79 21.74
N ALA A 97 -4.43 2.41 22.90
CA ALA A 97 -5.40 1.33 22.95
C ALA A 97 -6.79 1.73 22.44
N ASN A 98 -7.13 3.02 22.42
CA ASN A 98 -8.42 3.46 21.89
C ASN A 98 -8.23 3.70 20.40
N LEU A 99 -8.60 2.71 19.59
CA LEU A 99 -8.30 2.73 18.18
C LEU A 99 -9.17 3.76 17.47
N SER A 100 -8.61 4.37 16.42
CA SER A 100 -9.32 5.41 15.68
CA SER A 100 -9.35 5.38 15.68
C SER A 100 -8.95 5.35 14.21
N THR A 101 -9.87 5.81 13.36
CA THR A 101 -9.55 5.95 11.94
C THR A 101 -8.67 7.17 11.69
N LYS A 102 -8.70 8.19 12.55
CA LYS A 102 -7.80 9.31 12.30
C LYS A 102 -6.37 8.99 12.69
N GLY A 103 -6.18 8.02 13.57
CA GLY A 103 -4.85 7.54 13.91
C GLY A 103 -4.20 8.36 14.99
N LYS A 104 -3.10 7.82 15.51
CA LYS A 104 -2.30 8.53 16.48
C LYS A 104 -0.84 8.37 16.08
N ILE A 105 -0.15 9.51 15.91
CA ILE A 105 1.22 9.48 15.45
C ILE A 105 2.12 8.92 16.55
N ILE A 106 3.24 8.34 16.13
CA ILE A 106 4.19 7.67 17.02
C ILE A 106 5.47 8.50 17.03
N PRO A 107 5.83 9.13 18.14
CA PRO A 107 6.92 10.10 18.18
C PRO A 107 8.30 9.50 18.47
N LEU A 108 8.63 8.42 17.77
CA LEU A 108 9.97 7.85 17.88
C LEU A 108 10.91 8.54 16.88
N PRO A 109 12.22 8.38 17.05
CA PRO A 109 13.14 8.99 16.08
C PRO A 109 12.84 8.52 14.67
N GLU A 110 12.93 9.45 13.72
CA GLU A 110 12.63 9.11 12.34
C GLU A 110 13.50 7.96 11.85
N SER A 111 14.73 7.86 12.35
CA SER A 111 15.63 6.79 11.94
C SER A 111 15.05 5.42 12.26
N VAL A 112 14.22 5.29 13.30
CA VAL A 112 13.58 4.01 13.58
C VAL A 112 12.69 3.61 12.42
N PHE A 113 11.90 4.56 11.92
CA PHE A 113 10.99 4.26 10.82
C PHE A 113 11.75 4.03 9.52
N VAL A 114 12.76 4.85 9.26
CA VAL A 114 13.59 4.64 8.07
C VAL A 114 14.22 3.25 8.12
N ASN A 115 14.71 2.85 9.29
CA ASN A 115 15.35 1.53 9.40
C ASN A 115 14.33 0.40 9.26
N TRP A 116 13.11 0.59 9.76
CA TRP A 116 12.06 -0.40 9.46
C TRP A 116 11.86 -0.54 7.96
N ILE A 117 11.72 0.60 7.28
CA ILE A 117 11.50 0.61 5.83
C ILE A 117 12.65 -0.10 5.12
N LYS A 118 13.89 0.19 5.53
CA LYS A 118 15.04 -0.46 4.91
C LYS A 118 15.00 -1.97 5.14
N GLU A 119 14.75 -2.39 6.37
N GLU A 119 14.76 -2.39 6.39
CA GLU A 119 14.69 -3.81 6.67
CA GLU A 119 14.66 -3.82 6.69
C GLU A 119 13.58 -4.51 5.87
C GLU A 119 13.59 -4.48 5.85
N TYR A 120 12.40 -3.89 5.81
CA TYR A 120 11.27 -4.51 5.14
C TYR A 120 11.50 -4.60 3.64
N TYR A 121 11.91 -3.50 3.00
CA TYR A 121 12.04 -3.54 1.56
C TYR A 121 13.22 -4.42 1.14
N LYS A 122 14.32 -4.41 1.91
CA LYS A 122 15.39 -5.35 1.63
C LYS A 122 14.90 -6.79 1.69
N SER A 123 14.06 -7.11 2.68
CA SER A 123 13.58 -8.49 2.80
C SER A 123 12.69 -8.90 1.64
N LYS A 124 12.11 -7.94 0.92
CA LYS A 124 11.31 -8.23 -0.26
C LYS A 124 12.12 -8.07 -1.54
N SER A 125 13.44 -7.99 -1.44
CA SER A 125 14.33 -7.86 -2.59
C SER A 125 14.08 -6.57 -3.36
N VAL A 126 13.57 -5.54 -2.68
CA VAL A 126 13.45 -4.22 -3.26
C VAL A 126 14.75 -3.48 -2.98
N LYS A 127 15.56 -3.26 -4.01
CA LYS A 127 16.91 -2.66 -3.83
C LYS A 127 16.94 -1.18 -4.20
N PHE A 128 15.98 -0.74 -4.99
CA PHE A 128 15.93 0.64 -5.44
C PHE A 128 14.51 1.14 -5.40
N PHE A 129 14.36 2.45 -5.25
CA PHE A 129 13.12 3.19 -5.38
C PHE A 129 13.23 4.14 -6.55
N ILE A 130 12.11 4.40 -7.23
CA ILE A 130 12.03 5.44 -8.25
C ILE A 130 10.88 6.37 -7.90
N THR A 131 11.13 7.67 -7.99
CA THR A 131 10.10 8.67 -7.76
C THR A 131 10.35 9.82 -8.73
N SER A 132 9.63 10.93 -8.54
CA SER A 132 9.76 12.06 -9.45
C SER A 132 9.37 13.33 -8.74
N ASN A 133 10.15 14.38 -8.96
CA ASN A 133 9.78 15.74 -8.58
C ASN A 133 9.63 16.64 -9.80
N GLY A 134 9.35 16.05 -10.97
CA GLY A 134 9.51 16.69 -12.25
C GLY A 134 10.65 16.10 -13.05
N ASP A 135 11.69 15.63 -12.37
CA ASP A 135 12.71 14.76 -12.94
C ASP A 135 12.63 13.42 -12.23
N PHE A 136 12.98 12.35 -12.93
CA PHE A 136 12.99 11.05 -12.29
C PHE A 136 14.17 10.95 -11.34
N ILE A 137 13.93 10.31 -10.21
CA ILE A 137 14.93 10.13 -9.17
C ILE A 137 14.97 8.65 -8.83
N ILE A 138 16.15 8.03 -8.95
CA ILE A 138 16.32 6.60 -8.67
C ILE A 138 17.40 6.46 -7.61
N PHE A 139 17.13 5.67 -6.58
CA PHE A 139 18.09 5.60 -5.48
C PHE A 139 18.01 4.25 -4.77
N PRO A 140 19.13 3.80 -4.20
CA PRO A 140 19.13 2.51 -3.49
C PRO A 140 18.53 2.62 -2.11
N ILE A 141 17.95 1.52 -1.67
CA ILE A 141 17.25 1.47 -0.39
C ILE A 141 18.14 1.95 0.76
N GLU A 142 19.45 1.69 0.69
CA GLU A 142 20.32 2.08 1.79
C GLU A 142 20.40 3.59 2.00
N HIS A 143 19.97 4.40 1.03
CA HIS A 143 20.06 5.86 1.14
C HIS A 143 18.69 6.52 1.25
N PHE A 144 17.67 5.73 1.62
CA PHE A 144 16.27 6.19 1.66
C PHE A 144 16.10 7.54 2.35
N GLU A 145 16.78 7.73 3.50
CA GLU A 145 16.53 8.90 4.32
C GLU A 145 16.99 10.20 3.65
N HIS A 146 17.82 10.11 2.61
CA HIS A 146 18.24 11.32 1.92
C HIS A 146 17.18 11.82 0.95
N TYR A 147 16.11 11.06 0.76
CA TYR A 147 15.09 11.36 -0.24
C TYR A 147 13.72 11.62 0.34
N PHE A 148 13.33 10.89 1.38
CA PHE A 148 11.98 10.98 1.91
C PHE A 148 12.02 11.33 3.38
N ASN A 149 11.14 12.25 3.77
CA ASN A 149 10.75 12.40 5.16
C ASN A 149 9.77 11.29 5.52
N VAL A 150 9.85 10.79 6.76
CA VAL A 150 9.03 9.65 7.16
C VAL A 150 8.29 9.98 8.46
N SER A 151 7.03 9.57 8.54
CA SER A 151 6.27 9.57 9.78
C SER A 151 5.53 8.25 9.93
N CYS A 152 5.01 8.02 11.13
CA CYS A 152 4.46 6.73 11.48
C CYS A 152 3.22 6.94 12.34
N THR A 153 2.12 6.29 11.98
CA THR A 153 0.86 6.39 12.69
CA THR A 153 0.91 6.38 12.77
C THR A 153 0.30 4.99 12.96
N TYR A 154 -0.52 4.88 14.01
CA TYR A 154 -1.31 3.69 14.29
C TYR A 154 -2.77 4.05 14.04
N ARG A 155 -3.40 3.38 13.08
CA ARG A 155 -4.78 3.74 12.75
C ARG A 155 -5.56 2.53 12.29
N ILE A 156 -6.87 2.59 12.51
CA ILE A 156 -7.78 1.61 11.93
C ILE A 156 -7.73 1.74 10.42
N LYS A 157 -7.44 0.65 9.73
CA LYS A 157 -7.57 0.64 8.27
C LYS A 157 -8.43 -0.56 7.91
N LYS A 158 -9.67 -0.27 7.56
CA LYS A 158 -10.62 -1.30 7.12
C LYS A 158 -9.99 -2.17 6.04
N SER A 159 -10.25 -3.48 6.12
CA SER A 159 -9.72 -4.37 5.11
C SER A 159 -10.45 -4.16 3.78
N GLY A 160 -9.94 -4.82 2.74
CA GLY A 160 -10.38 -4.57 1.38
C GLY A 160 -11.61 -5.35 0.95
N SER A 161 -12.03 -5.09 -0.29
CA SER A 161 -13.24 -5.66 -0.84
C SER A 161 -12.95 -7.00 -1.51
N ARG A 162 -14.00 -7.66 -1.97
CA ARG A 162 -13.85 -8.86 -2.78
C ARG A 162 -14.90 -8.83 -3.88
N HIS A 163 -14.64 -9.58 -4.95
CA HIS A 163 -15.60 -9.65 -6.05
C HIS A 163 -16.93 -10.24 -5.59
N LEU A 164 -18.02 -9.70 -6.13
CA LEU A 164 -19.28 -10.42 -6.07
C LEU A 164 -19.07 -11.82 -6.62
N ASN A 165 -19.70 -12.80 -5.98
CA ASN A 165 -19.58 -14.20 -6.39
C ASN A 165 -20.95 -14.82 -6.54
N SER A 166 -20.98 -16.05 -7.06
CA SER A 166 -22.25 -16.73 -7.29
C SER A 166 -23.05 -16.88 -6.02
N LYS A 167 -22.39 -17.24 -4.91
CA LYS A 167 -23.11 -17.46 -3.67
C LYS A 167 -23.82 -16.20 -3.20
N SER A 168 -23.23 -15.04 -3.44
CA SER A 168 -23.79 -13.76 -3.01
C SER A 168 -24.74 -13.14 -4.02
N LEU A 169 -24.88 -13.73 -5.21
CA LEU A 169 -25.67 -13.08 -6.26
C LEU A 169 -27.15 -12.92 -5.89
N PRO A 170 -27.85 -13.92 -5.32
CA PRO A 170 -29.23 -13.66 -4.91
C PRO A 170 -29.35 -12.49 -3.94
N ASP A 171 -28.47 -12.51 -2.96
CA ASP A 171 -28.47 -11.30 -2.01
CA ASP A 171 -28.46 -11.33 -2.05
C ASP A 171 -28.30 -9.90 -2.70
N PHE A 172 -27.42 -9.91 -3.71
CA PHE A 172 -27.20 -8.64 -4.39
C PHE A 172 -28.39 -8.24 -5.26
N LYS A 173 -28.99 -9.19 -5.96
CA LYS A 173 -30.19 -8.86 -6.73
C LYS A 173 -31.29 -8.38 -5.81
N GLN A 174 -31.43 -9.01 -4.64
CA GLN A 174 -32.45 -8.57 -3.70
C GLN A 174 -32.14 -7.19 -3.14
N ALA A 175 -30.86 -6.86 -2.96
CA ALA A 175 -30.49 -5.52 -2.53
C ALA A 175 -30.79 -4.47 -3.59
N LEU A 176 -30.57 -4.80 -4.87
CA LEU A 176 -30.98 -3.89 -5.94
C LEU A 176 -32.49 -3.70 -5.96
N ASP A 177 -33.22 -4.79 -5.75
CA ASP A 177 -34.68 -4.73 -5.72
C ASP A 177 -35.15 -3.82 -4.60
N LYS A 178 -34.58 -3.97 -3.40
CA LYS A 178 -34.99 -3.15 -2.26
C LYS A 178 -34.68 -1.68 -2.50
N LYS A 179 -33.55 -1.37 -3.13
CA LYS A 179 -33.19 0.01 -3.39
C LYS A 179 -33.93 0.62 -4.57
N GLY A 180 -34.70 -0.19 -5.31
CA GLY A 180 -35.44 0.34 -6.44
C GLY A 180 -34.58 0.64 -7.65
N ILE A 181 -33.46 -0.05 -7.81
CA ILE A 181 -32.57 0.15 -8.93
C ILE A 181 -32.98 -0.76 -10.09
N SER A 182 -33.17 -0.16 -11.27
CA SER A 182 -33.45 -0.91 -12.48
C SER A 182 -32.17 -1.56 -12.98
N TYR A 183 -32.23 -2.84 -13.36
CA TYR A 183 -31.00 -3.54 -13.69
C TYR A 183 -31.29 -4.81 -14.48
N THR A 184 -30.25 -5.33 -15.12
CA THR A 184 -30.19 -6.70 -15.58
C THR A 184 -28.79 -7.22 -15.29
N MET A 185 -28.70 -8.51 -14.98
CA MET A 185 -27.41 -9.14 -14.69
C MET A 185 -26.98 -10.00 -15.88
N ARG A 186 -25.71 -9.87 -16.26
CA ARG A 186 -25.06 -10.81 -17.17
C ARG A 186 -24.02 -11.56 -16.34
N GLY A 187 -24.38 -12.75 -15.89
CA GLY A 187 -23.52 -13.45 -14.96
C GLY A 187 -23.38 -12.63 -13.69
N LEU A 188 -22.14 -12.26 -13.36
CA LEU A 188 -21.86 -11.40 -12.23
C LEU A 188 -21.69 -9.94 -12.61
N GLU A 189 -21.73 -9.63 -13.89
CA GLU A 189 -21.65 -8.24 -14.34
C GLU A 189 -23.03 -7.60 -14.27
N LEU A 190 -23.06 -6.36 -13.81
CA LEU A 190 -24.30 -5.63 -13.63
C LEU A 190 -24.49 -4.63 -14.77
N HIS A 191 -25.72 -4.56 -15.30
CA HIS A 191 -26.07 -3.57 -16.31
C HIS A 191 -27.24 -2.74 -15.82
N SER A 192 -27.15 -1.42 -16.04
CA SER A 192 -28.21 -0.52 -15.62
C SER A 192 -28.09 0.79 -16.38
N ASP A 193 -29.22 1.37 -16.75
CA ASP A 193 -29.22 2.72 -17.34
C ASP A 193 -29.25 3.80 -16.27
N GLU A 194 -29.29 3.42 -15.00
CA GLU A 194 -29.14 4.38 -13.92
C GLU A 194 -27.67 4.71 -13.71
N ASN A 195 -27.42 5.86 -13.09
CA ASN A 195 -26.04 6.29 -12.82
C ASN A 195 -25.68 5.79 -11.42
N ILE A 196 -25.03 4.63 -11.36
CA ILE A 196 -24.76 3.98 -10.09
C ILE A 196 -23.27 3.74 -9.87
N HIS A 197 -22.41 4.50 -10.56
CA HIS A 197 -20.98 4.39 -10.27
C HIS A 197 -20.71 4.86 -8.85
N ASP A 198 -19.94 4.06 -8.10
CA ASP A 198 -19.60 4.30 -6.70
C ASP A 198 -20.80 4.21 -5.78
N LYS A 199 -21.92 3.65 -6.25
CA LYS A 199 -23.09 3.48 -5.40
C LYS A 199 -22.83 2.39 -4.38
N ARG A 200 -23.24 2.66 -3.13
CA ARG A 200 -23.15 1.69 -2.04
C ARG A 200 -24.56 1.27 -1.64
N ILE A 201 -24.81 -0.05 -1.62
CA ILE A 201 -26.09 -0.58 -1.16
C ILE A 201 -25.80 -1.78 -0.27
N SER A 202 -26.70 -2.04 0.66
CA SER A 202 -26.51 -3.12 1.62
C SER A 202 -27.65 -4.12 1.55
N GLY A 203 -27.34 -5.37 1.90
CA GLY A 203 -28.35 -6.39 2.04
C GLY A 203 -27.81 -7.64 2.72
N ASP A 204 -28.52 -8.13 3.73
CA ASP A 204 -28.20 -9.39 4.40
C ASP A 204 -26.75 -9.44 4.90
N ASP A 205 -26.37 -8.40 5.64
CA ASP A 205 -25.05 -8.24 6.28
C ASP A 205 -23.92 -8.04 5.27
N LYS A 206 -24.22 -7.80 4.01
CA LYS A 206 -23.21 -7.48 3.02
C LYS A 206 -23.40 -6.04 2.56
N ASP A 207 -22.32 -5.27 2.62
CA ASP A 207 -22.27 -3.96 1.98
C ASP A 207 -21.69 -4.16 0.59
N PHE A 208 -22.42 -3.74 -0.43
CA PHE A 208 -21.97 -3.86 -1.81
C PHE A 208 -21.53 -2.49 -2.32
N LEU A 209 -20.56 -2.51 -3.23
CA LEU A 209 -20.09 -1.32 -3.93
C LEU A 209 -20.14 -1.59 -5.42
N ILE A 210 -20.67 -0.63 -6.18
CA ILE A 210 -20.84 -0.76 -7.63
C ILE A 210 -19.88 0.20 -8.32
N LYS A 211 -19.11 -0.32 -9.28
CA LYS A 211 -18.12 0.47 -9.99
C LYS A 211 -18.28 0.25 -11.49
N GLU A 212 -18.18 1.33 -12.26
CA GLU A 212 -18.30 1.24 -13.72
C GLU A 212 -17.00 0.71 -14.31
N ASN A 213 -17.12 -0.24 -15.23
CA ASN A 213 -15.97 -0.83 -15.91
C ASN A 213 -16.37 -1.10 -17.35
N ASN A 214 -15.75 -0.38 -18.29
CA ASN A 214 -16.05 -0.50 -19.71
C ASN A 214 -17.53 -0.26 -19.96
N GLY A 215 -18.25 -1.31 -20.35
CA GLY A 215 -19.67 -1.20 -20.64
C GLY A 215 -20.57 -1.84 -19.61
N ALA A 216 -20.07 -2.16 -18.43
CA ALA A 216 -20.89 -2.77 -17.40
C ALA A 216 -20.40 -2.30 -16.04
N TYR A 217 -21.17 -2.64 -15.02
CA TYR A 217 -20.77 -2.36 -13.65
C TYR A 217 -20.19 -3.62 -13.02
N HIS A 218 -19.11 -3.45 -12.29
CA HIS A 218 -18.52 -4.51 -11.49
C HIS A 218 -18.94 -4.31 -10.03
N VAL A 219 -19.27 -5.40 -9.36
CA VAL A 219 -19.86 -5.36 -8.03
C VAL A 219 -18.87 -5.95 -7.04
N LYS A 220 -18.63 -5.24 -5.94
CA LYS A 220 -17.73 -5.70 -4.90
C LYS A 220 -18.50 -5.84 -3.59
N ILE A 221 -18.00 -6.73 -2.74
CA ILE A 221 -18.49 -6.88 -1.37
C ILE A 221 -17.44 -6.26 -0.46
N LEU A 222 -17.86 -5.29 0.33
CA LEU A 222 -16.93 -4.60 1.22
C LEU A 222 -16.65 -5.43 2.47
N SER A 223 -15.55 -5.10 3.14
CA SER A 223 -15.10 -5.84 4.31
C SER A 223 -15.93 -5.50 5.54
N ASN A 224 -15.87 -6.39 6.54
CA ASN A 224 -16.37 -6.11 7.88
C ASN A 224 -15.24 -6.10 8.90
N THR A 225 -13.98 -6.08 8.45
CA THR A 225 -12.82 -6.15 9.32
C THR A 225 -12.22 -4.76 9.46
N PHE A 226 -12.07 -4.31 10.72
CA PHE A 226 -11.59 -2.96 11.03
C PHE A 226 -10.44 -3.03 12.06
N ASN A 227 -9.35 -3.72 11.69
CA ASN A 227 -8.20 -3.81 12.58
C ASN A 227 -7.28 -2.61 12.36
N ALA A 228 -6.34 -2.43 13.28
CA ALA A 228 -5.46 -1.26 13.28
C ALA A 228 -4.03 -1.66 12.96
N ASN A 229 -3.36 -0.85 12.15
CA ASN A 229 -1.99 -1.13 11.74
C ASN A 229 -1.10 0.08 12.01
N VAL A 230 0.14 -0.20 12.41
CA VAL A 230 1.21 0.77 12.24
C VAL A 230 1.47 0.93 10.75
N ILE A 231 1.56 2.17 10.28
CA ILE A 231 1.68 2.40 8.84
C ILE A 231 2.52 3.64 8.61
N PHE A 232 3.38 3.57 7.61
CA PHE A 232 4.39 4.60 7.37
C PHE A 232 3.97 5.50 6.22
N SER A 233 4.13 6.80 6.42
CA SER A 233 3.88 7.80 5.39
C SER A 233 5.18 8.46 5.01
N ILE A 234 5.34 8.76 3.73
CA ILE A 234 6.57 9.37 3.26
C ILE A 234 6.25 10.58 2.40
N SER A 235 7.14 11.56 2.46
CA SER A 235 7.00 12.79 1.67
CA SER A 235 7.00 12.78 1.67
CA SER A 235 7.00 12.78 1.67
C SER A 235 8.35 13.12 1.07
N LEU A 236 8.38 13.29 -0.25
CA LEU A 236 9.64 13.56 -0.95
C LEU A 236 10.23 14.88 -0.46
N LYS A 237 11.53 14.85 -0.15
CA LYS A 237 12.20 16.06 0.32
C LYS A 237 12.30 17.10 -0.80
N ASN A 238 12.22 18.37 -0.41
CA ASN A 238 12.46 19.46 -1.34
C ASN A 238 13.93 19.84 -1.43
N ASN A 239 14.79 19.26 -0.58
CA ASN A 239 16.20 19.66 -0.49
C ASN A 239 17.11 18.44 -0.60
N ILE A 240 17.01 17.71 -1.71
CA ILE A 240 17.78 16.48 -1.87
C ILE A 240 19.19 16.84 -2.33
N SER A 241 20.19 16.26 -1.68
CA SER A 241 21.59 16.47 -2.08
C SER A 241 21.81 16.01 -3.50
N LEU A 242 22.27 16.92 -4.37
CA LEU A 242 22.59 16.54 -5.73
C LEU A 242 23.80 15.60 -5.78
N PHE A 243 24.69 15.71 -4.79
CA PHE A 243 25.83 14.80 -4.72
C PHE A 243 25.37 13.38 -4.46
N ILE A 244 24.49 13.19 -3.47
CA ILE A 244 23.97 11.86 -3.19
C ILE A 244 23.16 11.36 -4.39
N LEU A 245 22.36 12.24 -4.98
CA LEU A 245 21.57 11.87 -6.15
C LEU A 245 22.46 11.31 -7.27
N ASN A 246 23.56 12.00 -7.56
CA ASN A 246 24.42 11.57 -8.65
C ASN A 246 25.10 10.24 -8.34
N GLU A 247 25.63 10.07 -7.12
CA GLU A 247 26.26 8.79 -6.82
C GLU A 247 25.24 7.67 -6.81
N ASP A 248 23.99 7.98 -6.47
CA ASP A 248 22.98 6.94 -6.42
C ASP A 248 22.51 6.52 -7.81
N ARG A 249 22.47 7.45 -8.76
CA ARG A 249 22.20 7.08 -10.14
C ARG A 249 23.30 6.15 -10.66
N LYS A 250 24.56 6.42 -10.31
CA LYS A 250 25.64 5.51 -10.70
C LYS A 250 25.47 4.16 -10.03
N ALA A 251 25.01 4.14 -8.77
CA ALA A 251 24.77 2.88 -8.09
C ALA A 251 23.73 2.05 -8.83
N PHE A 252 22.67 2.70 -9.32
CA PHE A 252 21.67 1.99 -10.11
C PHE A 252 22.28 1.45 -11.40
N GLU A 253 23.03 2.29 -12.09
CA GLU A 253 23.65 1.87 -13.34
C GLU A 253 24.63 0.73 -13.14
N ALA A 254 25.30 0.68 -11.98
CA ALA A 254 26.13 -0.48 -11.68
C ALA A 254 25.27 -1.72 -11.47
N ALA A 255 24.19 -1.59 -10.69
CA ALA A 255 23.37 -2.75 -10.34
C ALA A 255 22.80 -3.44 -11.58
N ILE A 256 22.35 -2.65 -12.56
CA ILE A 256 21.76 -3.24 -13.77
C ILE A 256 22.81 -3.73 -14.75
N SER A 257 24.10 -3.54 -14.43
CA SER A 257 25.18 -3.95 -15.31
C SER A 257 25.95 -5.16 -14.79
N LEU A 258 25.67 -5.60 -13.56
CA LEU A 258 26.41 -6.72 -12.99
C LEU A 258 26.02 -8.03 -13.66
N1 5IU C 3 -7.46 11.80 6.96
C2 5IU C 3 -7.29 11.34 5.49
N3 5IU C 3 -5.96 11.27 4.82
C4 5IU C 3 -4.91 11.65 5.59
C5 5IU C 3 -5.03 12.09 6.90
C6 5IU C 3 -6.12 12.18 7.54
O2 5IU C 3 -8.26 11.01 4.90
O4 5IU C 3 -3.85 11.62 5.10
I5 5IU C 3 -3.24 12.63 7.87
C1' 5IU C 3 -8.75 11.89 7.57
C2' 5IU C 3 -8.92 11.16 8.87
C3' 5IU C 3 -9.97 11.95 9.52
C4' 5IU C 3 -9.91 13.31 8.98
O3' 5IU C 3 -11.30 11.46 9.12
O4' 5IU C 3 -8.96 13.32 7.87
C5' 5IU C 3 -9.47 14.29 10.04
O5' 5IU C 3 -8.19 13.88 10.47
P 5IU C 3 -7.39 14.92 11.45
OP1 5IU C 3 -8.14 15.27 12.65
OP2 5IU C 3 -6.12 14.34 11.91
N1 5IU C 10 -4.29 -14.74 -0.03
C2 5IU C 10 -5.41 -14.34 0.99
N3 5IU C 10 -6.81 -14.06 0.56
C4 5IU C 10 -7.03 -14.19 -0.77
C5 5IU C 10 -6.06 -14.56 -1.72
C6 5IU C 10 -4.84 -14.81 -1.42
O2 5IU C 10 -5.13 -14.25 2.12
O4 5IU C 10 -8.12 -13.99 -1.12
I5 5IU C 10 -6.59 -14.71 -3.76
C1' 5IU C 10 -2.93 -14.99 0.36
C2' 5IU C 10 -2.49 -16.41 0.14
C3' 5IU C 10 -1.07 -16.18 0.26
C4' 5IU C 10 -0.86 -15.05 -0.65
O3' 5IU C 10 -0.87 -15.73 1.65
O4' 5IU C 10 -2.00 -14.16 -0.43
C5' 5IU C 10 -0.89 -15.60 -2.06
O5' 5IU C 10 -0.63 -14.58 -2.98
P 5IU C 10 -1.35 -14.65 -4.46
OP1 5IU C 10 -0.57 -15.39 -5.46
OP2 5IU C 10 -2.63 -15.35 -4.48
CA CA D . 1.74 9.62 9.72
C1 EDO E . -15.31 6.15 10.32
O1 EDO E . -14.56 6.47 11.49
C2 EDO E . -14.97 7.14 9.22
O2 EDO E . -15.19 8.48 9.69
C1 EDO F . -0.41 12.80 -4.52
O1 EDO F . -0.56 13.52 -3.29
C2 EDO F . 0.77 11.85 -4.43
O2 EDO F . 2.02 12.58 -4.52
C1 EDO G . 5.03 12.22 5.86
O1 EDO G . 4.16 12.39 6.97
C2 EDO G . 6.48 12.31 6.33
O2 EDO G . 6.71 13.48 7.12
C1 EDO H . 11.63 19.57 2.66
O1 EDO H . 10.55 20.20 3.36
C2 EDO H . 12.20 18.44 3.51
O2 EDO H . 13.63 18.40 3.38
C1 EDO I . -17.24 -9.15 -10.33
C1 EDO I . -17.47 -9.02 -9.72
O1 EDO I . -17.91 -10.28 -9.75
O1 EDO I . -16.65 -7.94 -9.25
C2 EDO I . -18.21 -8.41 -11.25
C2 EDO I . -18.11 -8.64 -11.06
O2 EDO I . -19.42 -8.12 -10.55
O2 EDO I . -19.16 -7.68 -10.86
C1 EDO J . 6.37 -7.61 -12.09
O1 EDO J . 5.07 -7.03 -11.94
C2 EDO J . 6.98 -7.76 -10.71
O2 EDO J . 6.07 -8.45 -9.85
C1 EDO K . 15.18 -12.42 -6.12
O1 EDO K . 16.11 -13.24 -6.85
C2 EDO K . 15.24 -10.99 -6.64
O2 EDO K . 16.38 -10.31 -6.08
C1 EDO L . 26.13 8.87 -15.91
O1 EDO L . 26.00 8.22 -14.64
C2 EDO L . 25.05 8.36 -16.86
O2 EDO L . 23.76 8.64 -16.30
C1 EDO M . 11.21 -6.57 -19.99
O1 EDO M . 11.16 -7.70 -19.11
C2 EDO M . 9.89 -5.82 -19.96
O2 EDO M . 8.84 -6.68 -20.41
C1 EDO N . 0.88 4.55 29.77
O1 EDO N . 0.06 5.38 28.94
C2 EDO N . 0.00 3.55 30.52
O2 EDO N . -0.80 2.82 29.59
C1 EDO O . 20.18 -3.07 -18.88
O1 EDO O . 20.67 -4.22 -18.17
C2 EDO O . 21.29 -2.03 -18.94
O2 EDO O . 22.46 -2.61 -19.53
C1 EDO P . 14.97 12.22 -15.88
O1 EDO P . 13.91 13.10 -15.51
C2 EDO P . 16.28 12.72 -15.28
O2 EDO P . 16.28 12.48 -13.87
C1 EDO Q . 1.90 -2.25 -7.46
O1 EDO Q . 2.17 -2.34 -8.80
C2 EDO Q . 3.15 -2.08 -6.77
O2 EDO Q . 3.68 -0.82 -7.00
C1 EDO R . -1.70 11.10 12.31
O1 EDO R . -2.73 10.15 12.56
C2 EDO R . -1.61 11.37 10.82
O2 EDO R . -1.03 10.24 10.16
C1 EDO S . -16.48 2.32 5.68
O1 EDO S . -17.35 1.29 6.19
C2 EDO S . -17.18 3.10 4.57
O2 EDO S . -17.52 2.22 3.49
C ACT T . 4.71 -5.68 22.74
O ACT T . 4.54 -6.86 22.87
OXT ACT T . 3.86 -4.92 22.35
CH3 ACT T . 6.07 -5.07 23.05
P PO4 U . 19.78 14.50 4.36
O1 PO4 U . 19.25 13.26 5.05
O2 PO4 U . 20.79 15.17 5.27
O3 PO4 U . 18.67 15.49 4.10
O4 PO4 U . 20.45 14.13 3.06
C1 EDO V . -4.94 -2.01 -5.82
O1 EDO V . -5.77 -1.02 -5.22
C2 EDO V . -3.87 -2.41 -4.82
O2 EDO V . -3.18 -1.24 -4.35
C1 EDO W . -9.43 7.44 -0.68
O1 EDO W . -9.75 8.66 0.01
C2 EDO W . -8.54 6.58 0.22
O2 EDO W . -9.24 6.31 1.44
C1 EDO X . -5.85 11.06 -7.88
O1 EDO X . -5.90 11.92 -9.03
C2 EDO X . -6.57 9.75 -8.19
O2 EDO X . -7.96 10.00 -8.39
C ACT Y . -4.23 -13.01 5.80
O ACT Y . -4.94 -13.21 6.80
OXT ACT Y . -3.91 -11.88 5.39
CH3 ACT Y . -3.74 -14.23 5.02
C1 EDO Z . -0.18 -6.83 -2.06
O1 EDO Z . -0.85 -6.78 -0.81
C2 EDO Z . -1.06 -7.59 -3.06
O2 EDO Z . -2.32 -6.92 -3.18
#